data_4J6G
#
_entry.id   4J6G
#
_cell.length_a   149.058
_cell.length_b   149.058
_cell.length_c   149.058
_cell.angle_alpha   90.00
_cell.angle_beta   90.00
_cell.angle_gamma   90.00
#
_symmetry.space_group_name_H-M   'P 21 3'
#
loop_
_entity.id
_entity.type
_entity.pdbx_description
1 polymer 'Tumor necrosis factor ligand superfamily member 14'
2 polymer 'Tumor necrosis factor receptor superfamily member 6B'
3 branched alpha-D-mannopyranose-(1-3)-beta-D-mannopyranose-(1-4)-2-acetamido-2-deoxy-beta-D-glucopyranose-(1-4)-2-acetamido-2-deoxy-beta-D-glucopyranose
4 non-polymer 'CHLORIDE ION'
5 non-polymer 'MAGNESIUM ION'
6 non-polymer 2-acetamido-2-deoxy-beta-D-glucopyranose
7 water water
#
loop_
_entity_poly.entity_id
_entity_poly.type
_entity_poly.pdbx_seq_one_letter_code
_entity_poly.pdbx_strand_id
1 'polypeptide(L)'
;HHHHHHGLIQERRSHEVNPAAHLTGANSSLTGSGGPLLWETQLGLAFLRGLSYHDGALVVTKAGYYYIYSKVQLGGVGCP
LGLASTITHGLYKRTPRYPEELELLVSQQSPCGRATSSSRVWWDSSFLGGVVHLEAGEEVVVRVLDERLVRLRDGTRSYF
GAFMV
;
A,B
2 'polypeptide(L)'
;VAETPTYPWRDAETGERLVCAQCPPGTFVQRPCRRDSPTTCGPCPPRHYTQFWNYLERCRYCNVLCGEREEEARACHATH
NRACRCRTGFFAHAGFCLEHASCPPGAGVIAPGTPSQNTQCQPCPPGTFSASSSSSEQCQPHRNCTALGLALNVPGSSSH
DTLCTSTGHHHHHH
;
C,D
#
loop_
_chem_comp.id
_chem_comp.type
_chem_comp.name
_chem_comp.formula
BMA D-saccharide, beta linking beta-D-mannopyranose 'C6 H12 O6'
CL non-polymer 'CHLORIDE ION' 'Cl -1'
MAN D-saccharide, alpha linking alpha-D-mannopyranose 'C6 H12 O6'
MG non-polymer 'MAGNESIUM ION' 'Mg 2'
NAG D-saccharide, beta linking 2-acetamido-2-deoxy-beta-D-glucopyranose 'C8 H15 N O6'
#
# COMPACT_ATOMS: atom_id res chain seq x y z
N VAL A 17 9.97 8.20 -35.89
CA VAL A 17 10.16 9.27 -34.84
C VAL A 17 11.15 8.85 -33.68
N ASN A 18 12.32 9.45 -33.67
CA ASN A 18 13.36 9.10 -32.69
C ASN A 18 13.12 9.86 -31.37
N PRO A 19 13.02 9.17 -30.26
CA PRO A 19 12.78 9.78 -28.96
C PRO A 19 13.82 10.76 -28.57
N ALA A 20 13.36 11.95 -28.12
CA ALA A 20 14.15 13.04 -27.71
C ALA A 20 13.41 13.90 -26.72
N ALA A 21 14.14 14.62 -25.87
CA ALA A 21 13.59 15.57 -24.88
C ALA A 21 14.64 16.47 -24.37
N HIS A 22 14.22 17.62 -23.89
CA HIS A 22 15.09 18.58 -23.25
C HIS A 22 14.23 19.38 -22.26
N LEU A 23 14.47 19.19 -20.99
CA LEU A 23 13.71 19.77 -19.94
C LEU A 23 14.52 20.86 -19.30
N THR A 24 13.89 21.99 -18.95
CA THR A 24 14.65 23.15 -18.51
C THR A 24 14.44 23.56 -17.04
N GLY A 25 15.40 24.28 -16.51
CA GLY A 25 15.24 24.84 -15.19
C GLY A 25 13.98 25.65 -15.06
N ALA A 26 13.31 25.55 -13.91
CA ALA A 26 11.97 26.19 -13.70
C ALA A 26 11.77 26.61 -12.24
N ASN A 27 10.67 27.29 -11.98
CA ASN A 27 10.35 27.91 -10.73
C ASN A 27 10.36 26.86 -9.62
N SER A 28 9.84 25.71 -9.92
CA SER A 28 9.67 24.69 -8.93
C SER A 28 10.83 23.67 -8.92
N SER A 29 11.93 23.91 -9.62
CA SER A 29 12.93 22.84 -9.84
C SER A 29 13.59 22.31 -8.53
N LEU A 30 13.79 23.21 -7.57
CA LEU A 30 14.47 22.85 -6.36
C LEU A 30 13.45 22.52 -5.22
N THR A 31 13.04 21.26 -5.07
CA THR A 31 12.06 20.89 -4.01
C THR A 31 12.61 21.03 -2.55
N GLY A 32 13.91 20.93 -2.35
CA GLY A 32 14.44 20.74 -1.00
C GLY A 32 13.97 19.48 -0.24
N SER A 33 13.33 18.51 -0.89
CA SER A 33 12.90 17.27 -0.20
C SER A 33 13.99 16.21 -0.16
N GLY A 34 15.09 16.48 -0.84
CA GLY A 34 16.06 15.44 -1.10
C GLY A 34 15.68 14.48 -2.24
N GLY A 35 14.56 14.71 -2.90
CA GLY A 35 14.24 13.98 -4.12
C GLY A 35 14.86 14.65 -5.35
N PRO A 36 14.65 14.08 -6.52
CA PRO A 36 15.22 14.69 -7.75
C PRO A 36 14.86 16.15 -8.07
N LEU A 37 15.60 16.85 -8.92
CA LEU A 37 15.09 18.12 -9.46
C LEU A 37 13.87 17.90 -10.33
N LEU A 38 13.03 18.93 -10.39
CA LEU A 38 11.87 18.94 -11.26
C LEU A 38 12.23 19.88 -12.42
N TRP A 39 11.46 19.81 -13.50
CA TRP A 39 11.79 20.57 -14.71
C TRP A 39 10.58 21.04 -15.48
N GLU A 40 10.73 22.13 -16.23
CA GLU A 40 9.72 22.58 -17.21
C GLU A 40 9.79 21.58 -18.35
N THR A 41 8.62 21.12 -18.82
CA THR A 41 8.50 20.22 -19.93
C THR A 41 7.78 20.72 -21.20
N GLN A 42 7.21 21.93 -21.16
CA GLN A 42 6.40 22.43 -22.33
C GLN A 42 6.69 23.84 -22.81
N LEU A 43 7.07 24.75 -21.92
CA LEU A 43 7.23 26.12 -22.31
C LEU A 43 8.66 26.49 -22.66
N GLY A 44 8.79 27.44 -23.60
CA GLY A 44 10.08 27.99 -23.96
C GLY A 44 10.80 26.90 -24.76
N LEU A 45 12.01 26.61 -24.35
CA LEU A 45 12.83 25.58 -24.99
C LEU A 45 12.50 24.16 -24.57
N ALA A 46 11.66 23.96 -23.57
CA ALA A 46 11.41 22.60 -23.10
C ALA A 46 10.51 21.81 -24.04
N PHE A 47 10.78 20.52 -24.19
CA PHE A 47 9.95 19.65 -25.00
C PHE A 47 10.15 18.16 -24.70
N LEU A 48 9.16 17.41 -25.17
CA LEU A 48 9.12 15.98 -25.05
C LEU A 48 8.68 15.44 -26.39
N ARG A 49 9.42 14.51 -26.97
CA ARG A 49 9.11 13.92 -28.24
C ARG A 49 9.41 12.44 -28.15
N GLY A 50 8.39 11.64 -27.83
CA GLY A 50 8.50 10.17 -27.68
C GLY A 50 9.14 9.77 -26.36
N LEU A 51 9.16 10.70 -25.40
CA LEU A 51 9.55 10.40 -24.03
C LEU A 51 8.48 11.08 -23.17
N SER A 52 8.27 10.59 -21.95
CA SER A 52 7.27 11.17 -21.03
C SER A 52 7.99 11.68 -19.78
N TYR A 53 7.21 12.25 -18.85
CA TYR A 53 7.74 12.90 -17.67
C TYR A 53 6.82 12.60 -16.46
N HIS A 54 7.39 12.37 -15.29
CA HIS A 54 6.59 12.20 -14.10
C HIS A 54 7.47 12.60 -12.91
N ASP A 55 7.10 13.67 -12.22
CA ASP A 55 7.78 14.04 -10.98
C ASP A 55 9.29 14.15 -11.10
N GLY A 56 9.78 14.72 -12.20
CA GLY A 56 11.20 15.08 -12.36
C GLY A 56 11.91 14.11 -13.26
N ALA A 57 11.26 12.97 -13.50
CA ALA A 57 11.88 11.87 -14.18
C ALA A 57 11.51 11.87 -15.64
N LEU A 58 12.46 11.60 -16.54
CA LEU A 58 12.16 11.22 -17.89
C LEU A 58 11.74 9.81 -17.85
N VAL A 59 10.56 9.58 -18.42
CA VAL A 59 9.94 8.25 -18.44
C VAL A 59 10.08 7.65 -19.81
N VAL A 60 10.66 6.46 -19.88
CA VAL A 60 10.95 5.85 -21.18
C VAL A 60 9.78 5.00 -21.69
N THR A 61 9.37 5.21 -22.94
CA THR A 61 8.26 4.50 -23.59
C THR A 61 8.72 3.61 -24.72
N LYS A 62 9.96 3.73 -25.11
CA LYS A 62 10.51 2.89 -26.14
C LYS A 62 11.94 2.48 -25.77
N ALA A 63 12.08 1.21 -25.67
CA ALA A 63 13.26 0.64 -25.10
C ALA A 63 14.39 0.86 -26.07
N GLY A 64 15.60 1.16 -25.59
CA GLY A 64 16.78 1.19 -26.41
C GLY A 64 17.90 1.89 -25.66
N TYR A 65 18.89 2.34 -26.43
CA TYR A 65 20.04 3.07 -25.92
C TYR A 65 19.83 4.58 -26.09
N TYR A 66 20.06 5.34 -25.04
CA TYR A 66 19.85 6.78 -25.01
C TYR A 66 21.07 7.50 -24.50
N TYR A 67 21.48 8.56 -25.21
CA TYR A 67 22.38 9.48 -24.63
C TYR A 67 21.57 10.41 -23.73
N ILE A 68 21.87 10.38 -22.43
CA ILE A 68 21.24 11.21 -21.48
C ILE A 68 22.25 12.30 -21.12
N TYR A 69 21.76 13.47 -20.73
CA TYR A 69 22.64 14.58 -20.39
C TYR A 69 22.02 15.51 -19.40
N SER A 70 22.85 16.18 -18.62
CA SER A 70 22.34 17.22 -17.71
C SER A 70 23.40 18.25 -17.47
N LYS A 71 22.99 19.49 -17.40
CA LYS A 71 23.82 20.55 -16.90
C LYS A 71 23.16 21.20 -15.68
N VAL A 72 23.97 21.50 -14.65
CA VAL A 72 23.50 22.37 -13.59
C VAL A 72 24.52 23.49 -13.38
N GLN A 73 23.95 24.68 -13.23
CA GLN A 73 24.71 25.89 -12.95
C GLN A 73 24.81 26.02 -11.43
N LEU A 74 26.02 26.06 -10.91
CA LEU A 74 26.26 26.19 -9.47
C LEU A 74 26.85 27.54 -9.25
N GLY A 75 26.67 28.04 -8.04
CA GLY A 75 27.22 29.31 -7.66
C GLY A 75 26.99 29.53 -6.19
N GLY A 76 27.80 30.40 -5.60
CA GLY A 76 27.69 30.76 -4.19
C GLY A 76 28.62 31.88 -3.72
N VAL A 77 28.65 32.08 -2.39
CA VAL A 77 29.50 33.10 -1.72
C VAL A 77 30.38 32.39 -0.70
N GLY A 78 31.67 32.27 -0.96
CA GLY A 78 32.59 31.41 -0.13
C GLY A 78 32.18 29.94 -0.02
N CYS A 79 32.76 29.20 0.95
CA CYS A 79 32.40 27.77 1.19
C CYS A 79 31.42 27.50 2.34
N ALA A 84 30.82 19.76 3.54
CA ALA A 84 30.00 19.64 2.33
C ALA A 84 30.16 20.88 1.44
N SER A 85 31.41 21.11 1.06
CA SER A 85 31.83 22.00 -0.03
C SER A 85 32.19 21.16 -1.30
N THR A 86 31.79 19.90 -1.27
CA THR A 86 31.81 19.03 -2.42
C THR A 86 30.38 18.85 -2.85
N ILE A 87 30.12 19.08 -4.14
CA ILE A 87 28.82 18.90 -4.75
C ILE A 87 28.87 17.63 -5.61
N THR A 88 27.84 16.80 -5.44
CA THR A 88 27.52 15.67 -6.27
C THR A 88 26.36 16.04 -7.22
N HIS A 89 26.63 15.86 -8.51
CA HIS A 89 25.69 16.08 -9.59
C HIS A 89 25.60 14.73 -10.31
N GLY A 90 24.41 14.16 -10.35
CA GLY A 90 24.23 12.83 -10.90
C GLY A 90 22.94 12.55 -11.66
N LEU A 91 23.04 11.56 -12.53
CA LEU A 91 21.87 11.00 -13.21
C LEU A 91 21.68 9.58 -12.69
N TYR A 92 20.43 9.24 -12.39
CA TYR A 92 20.11 7.99 -11.76
C TYR A 92 18.89 7.36 -12.43
N LYS A 93 18.94 6.04 -12.48
CA LYS A 93 17.89 5.22 -13.06
C LYS A 93 16.97 4.69 -11.97
N ARG A 94 15.69 4.65 -12.25
CA ARG A 94 14.71 3.99 -11.43
C ARG A 94 14.06 2.95 -12.27
N THR A 95 14.00 1.73 -11.74
CA THR A 95 13.22 0.65 -12.33
C THR A 95 12.27 0.08 -11.29
N PRO A 96 11.06 -0.25 -11.70
CA PRO A 96 10.09 -0.89 -10.78
C PRO A 96 10.55 -2.32 -10.35
N ARG A 97 11.57 -2.87 -10.97
CA ARG A 97 12.12 -4.13 -10.55
C ARG A 97 12.97 -4.08 -9.29
N TYR A 98 13.36 -2.90 -8.77
CA TYR A 98 14.32 -2.87 -7.66
C TYR A 98 14.11 -1.62 -6.90
N PRO A 99 14.04 -1.69 -5.58
CA PRO A 99 13.53 -0.56 -4.73
C PRO A 99 14.50 0.58 -4.43
N GLU A 100 15.59 0.61 -5.17
CA GLU A 100 16.58 1.65 -4.93
C GLU A 100 17.05 2.19 -6.30
N GLU A 101 17.32 3.48 -6.38
CA GLU A 101 17.96 4.07 -7.56
C GLU A 101 19.30 3.47 -7.93
N LEU A 102 19.65 3.42 -9.22
CA LEU A 102 20.97 3.07 -9.68
C LEU A 102 21.66 4.27 -10.31
N GLU A 103 22.84 4.55 -9.84
CA GLU A 103 23.60 5.65 -10.31
C GLU A 103 24.11 5.32 -11.72
N LEU A 104 24.14 6.30 -12.60
CA LEU A 104 24.54 6.09 -13.96
C LEU A 104 25.79 6.92 -14.27
N LEU A 105 25.69 8.20 -14.02
CA LEU A 105 26.71 9.12 -14.45
C LEU A 105 26.78 10.17 -13.39
N VAL A 106 27.94 10.31 -12.74
CA VAL A 106 28.03 11.13 -11.53
C VAL A 106 29.29 11.97 -11.54
N SER A 107 29.16 13.23 -11.11
CA SER A 107 30.30 14.11 -10.95
C SER A 107 30.41 14.63 -9.54
N GLN A 108 31.65 14.75 -9.07
CA GLN A 108 31.95 15.46 -7.82
C GLN A 108 32.76 16.66 -8.16
N GLN A 109 32.40 17.80 -7.58
CA GLN A 109 33.04 19.07 -7.90
C GLN A 109 33.19 19.78 -6.52
N SER A 110 34.28 20.47 -6.28
CA SER A 110 34.33 21.33 -5.08
C SER A 110 34.63 22.73 -5.55
N PRO A 111 33.63 23.44 -6.08
CA PRO A 111 33.93 24.68 -6.81
C PRO A 111 34.19 25.91 -5.94
N CYS A 112 33.88 25.85 -4.64
CA CYS A 112 34.17 27.03 -3.84
C CYS A 112 35.67 27.28 -3.58
N GLY A 113 36.58 26.44 -4.09
CA GLY A 113 38.02 26.63 -3.95
C GLY A 113 38.55 27.94 -4.53
N ARG A 120 33.54 35.94 -1.10
CA ARG A 120 33.45 36.24 -2.54
C ARG A 120 32.76 35.18 -3.44
N VAL A 121 32.35 35.70 -4.60
CA VAL A 121 31.39 35.08 -5.46
C VAL A 121 32.07 34.08 -6.34
N TRP A 122 31.41 32.95 -6.51
CA TRP A 122 31.88 31.97 -7.49
C TRP A 122 30.74 31.30 -8.24
N TRP A 123 31.13 30.77 -9.41
CA TRP A 123 30.22 30.22 -10.37
C TRP A 123 30.91 29.04 -11.02
N ASP A 124 30.16 27.95 -11.19
CA ASP A 124 30.66 26.82 -11.88
C ASP A 124 29.51 26.01 -12.53
N SER A 125 29.81 25.36 -13.63
CA SER A 125 28.83 24.56 -14.36
C SER A 125 29.29 23.14 -14.34
N SER A 126 28.40 22.18 -14.13
CA SER A 126 28.73 20.81 -14.20
C SER A 126 27.88 20.18 -15.33
N PHE A 127 28.52 19.51 -16.30
CA PHE A 127 27.88 18.89 -17.42
C PHE A 127 28.15 17.40 -17.43
N LEU A 128 27.14 16.57 -17.71
CA LEU A 128 27.29 15.16 -17.82
C LEU A 128 26.54 14.64 -18.97
N GLY A 129 27.13 13.68 -19.67
CA GLY A 129 26.38 12.94 -20.67
C GLY A 129 26.91 11.56 -20.83
N GLY A 130 26.08 10.66 -21.34
CA GLY A 130 26.58 9.34 -21.73
C GLY A 130 25.45 8.47 -22.22
N VAL A 131 25.80 7.36 -22.87
CA VAL A 131 24.85 6.38 -23.35
C VAL A 131 24.52 5.27 -22.32
N VAL A 132 23.22 5.13 -22.05
CA VAL A 132 22.70 4.05 -21.21
C VAL A 132 21.55 3.35 -21.84
N HIS A 133 21.41 2.13 -21.44
CA HIS A 133 20.31 1.31 -21.92
C HIS A 133 19.13 1.45 -21.00
N LEU A 134 17.96 1.70 -21.60
CA LEU A 134 16.76 1.93 -20.81
C LEU A 134 15.63 1.11 -21.42
N GLU A 135 14.83 0.47 -20.57
CA GLU A 135 13.59 -0.33 -21.01
C GLU A 135 12.42 0.53 -20.85
N ALA A 136 11.31 0.15 -21.45
CA ALA A 136 10.04 0.85 -21.25
C ALA A 136 9.63 0.70 -19.83
N GLY A 137 9.18 1.80 -19.25
CA GLY A 137 8.70 1.92 -17.92
C GLY A 137 9.81 2.36 -16.96
N GLU A 138 11.05 2.43 -17.41
CA GLU A 138 12.16 2.93 -16.55
C GLU A 138 12.22 4.43 -16.65
N GLU A 139 12.87 5.04 -15.66
CA GLU A 139 12.94 6.47 -15.57
C GLU A 139 14.40 6.91 -15.30
N VAL A 140 14.69 8.18 -15.60
CA VAL A 140 15.98 8.76 -15.28
C VAL A 140 15.68 10.03 -14.52
N VAL A 141 16.37 10.23 -13.39
CA VAL A 141 16.26 11.49 -12.68
C VAL A 141 17.63 12.15 -12.51
N VAL A 142 17.61 13.43 -12.17
CA VAL A 142 18.79 14.22 -11.84
C VAL A 142 18.78 14.61 -10.36
N ARG A 143 19.90 14.46 -9.63
CA ARG A 143 20.02 14.90 -8.21
C ARG A 143 21.28 15.69 -8.08
N VAL A 144 21.21 16.77 -7.34
CA VAL A 144 22.34 17.53 -6.94
C VAL A 144 22.34 17.62 -5.39
N LEU A 145 23.45 17.28 -4.76
CA LEU A 145 23.60 17.37 -3.29
C LEU A 145 24.85 18.23 -3.03
N ASP A 146 24.77 19.44 -2.47
CA ASP A 146 23.61 20.08 -1.95
C ASP A 146 22.97 20.93 -3.06
N GLU A 147 21.71 20.65 -3.22
CA GLU A 147 20.81 21.31 -4.12
C GLU A 147 20.78 22.82 -3.95
N ARG A 148 21.16 23.32 -2.78
CA ARG A 148 21.00 24.76 -2.53
C ARG A 148 21.99 25.58 -3.33
N LEU A 149 22.99 24.93 -3.90
CA LEU A 149 23.99 25.63 -4.70
C LEU A 149 23.62 25.74 -6.21
N VAL A 150 22.45 25.23 -6.60
CA VAL A 150 21.93 25.40 -7.99
C VAL A 150 21.24 26.75 -8.08
N ARG A 151 21.68 27.51 -9.09
CA ARG A 151 21.21 28.87 -9.32
C ARG A 151 20.52 28.93 -10.65
N LEU A 152 19.22 29.11 -10.57
CA LEU A 152 18.31 29.12 -11.67
C LEU A 152 18.20 30.54 -12.14
N ARG A 153 18.06 30.70 -13.45
CA ARG A 153 17.98 32.00 -14.07
C ARG A 153 16.90 32.01 -15.14
N ASP A 154 17.02 31.19 -16.16
CA ASP A 154 16.17 31.40 -17.33
C ASP A 154 15.83 30.16 -18.11
N GLY A 155 16.16 29.00 -17.55
CA GLY A 155 16.01 27.77 -18.22
C GLY A 155 17.12 27.34 -19.14
N THR A 156 18.15 28.19 -19.32
CA THR A 156 19.32 27.86 -20.16
C THR A 156 20.53 27.34 -19.43
N ARG A 157 20.54 27.44 -18.10
CA ARG A 157 21.75 27.11 -17.39
C ARG A 157 21.68 25.87 -16.57
N SER A 158 20.48 25.40 -16.31
CA SER A 158 20.33 24.07 -15.79
C SER A 158 19.28 23.36 -16.58
N TYR A 159 19.55 22.08 -16.91
CA TYR A 159 18.66 21.34 -17.80
C TYR A 159 18.98 19.88 -17.79
N PHE A 160 18.05 19.12 -18.32
CA PHE A 160 18.09 17.65 -18.37
C PHE A 160 17.44 17.16 -19.66
N GLY A 161 18.12 16.32 -20.42
CA GLY A 161 17.60 15.82 -21.67
C GLY A 161 18.12 14.45 -22.10
N ALA A 162 17.67 13.99 -23.25
CA ALA A 162 18.06 12.70 -23.74
C ALA A 162 17.65 12.55 -25.18
N PHE A 163 18.34 11.64 -25.89
CA PHE A 163 17.82 11.19 -27.13
C PHE A 163 18.28 9.75 -27.39
N MET A 164 17.45 9.03 -28.12
CA MET A 164 17.79 7.67 -28.57
C MET A 164 18.87 7.68 -29.63
N VAL A 165 19.82 6.76 -29.50
CA VAL A 165 20.91 6.61 -30.46
C VAL A 165 20.96 5.20 -31.05
N VAL B 17 -14.99 -32.54 -14.57
CA VAL B 17 -14.39 -32.60 -15.94
C VAL B 17 -15.15 -31.65 -16.88
N ASN B 18 -16.48 -31.58 -16.84
CA ASN B 18 -17.21 -30.48 -17.55
C ASN B 18 -17.15 -29.16 -16.75
N PRO B 19 -16.48 -28.15 -17.27
CA PRO B 19 -16.28 -26.93 -16.52
C PRO B 19 -17.56 -26.30 -16.04
N ALA B 20 -17.53 -25.80 -14.81
CA ALA B 20 -18.70 -25.20 -14.16
C ALA B 20 -18.27 -24.34 -12.99
N ALA B 21 -19.02 -23.29 -12.69
CA ALA B 21 -18.81 -22.49 -11.50
C ALA B 21 -20.04 -21.69 -11.11
N HIS B 22 -20.12 -21.35 -9.83
CA HIS B 22 -21.10 -20.46 -9.26
C HIS B 22 -20.42 -19.64 -8.17
N LEU B 23 -20.33 -18.35 -8.40
CA LEU B 23 -19.70 -17.45 -7.45
C LEU B 23 -20.77 -16.56 -6.86
N THR B 24 -20.63 -16.25 -5.57
CA THR B 24 -21.65 -15.57 -4.80
C THR B 24 -21.24 -14.24 -4.23
N GLY B 25 -22.25 -13.41 -3.98
CA GLY B 25 -22.08 -12.17 -3.26
C GLY B 25 -21.33 -12.30 -1.97
N ALA B 26 -20.43 -11.37 -1.73
CA ALA B 26 -19.53 -11.42 -0.57
C ALA B 26 -19.35 -9.99 -0.01
N ASN B 27 -18.80 -9.84 1.21
CA ASN B 27 -18.81 -8.49 1.82
C ASN B 27 -17.87 -7.61 1.02
N SER B 28 -16.97 -8.20 0.25
CA SER B 28 -16.09 -7.45 -0.65
C SER B 28 -16.58 -7.23 -2.10
N SER B 29 -17.79 -7.66 -2.42
CA SER B 29 -18.24 -7.61 -3.82
C SER B 29 -18.30 -6.19 -4.44
N LEU B 30 -18.60 -5.17 -3.66
CA LEU B 30 -18.81 -3.82 -4.16
C LEU B 30 -17.59 -2.95 -3.86
N THR B 31 -16.64 -2.90 -4.81
CA THR B 31 -15.41 -2.13 -4.61
C THR B 31 -15.57 -0.61 -4.70
N GLY B 32 -16.59 -0.14 -5.40
CA GLY B 32 -16.76 1.30 -5.52
C GLY B 32 -15.73 1.94 -6.46
N SER B 33 -15.02 1.17 -7.29
CA SER B 33 -13.92 1.73 -8.07
C SER B 33 -14.31 1.92 -9.55
N GLY B 34 -15.47 1.38 -9.94
CA GLY B 34 -15.91 1.38 -11.31
C GLY B 34 -15.54 0.10 -12.04
N GLY B 35 -14.77 -0.75 -11.37
CA GLY B 35 -14.43 -2.02 -11.95
C GLY B 35 -15.52 -3.06 -11.68
N PRO B 36 -15.26 -4.30 -12.08
CA PRO B 36 -16.24 -5.36 -11.90
C PRO B 36 -16.61 -5.69 -10.47
N LEU B 37 -17.72 -6.40 -10.29
CA LEU B 37 -18.02 -6.94 -8.95
C LEU B 37 -16.99 -8.03 -8.63
N LEU B 38 -16.58 -8.13 -7.37
CA LEU B 38 -15.85 -9.33 -6.90
C LEU B 38 -16.86 -10.33 -6.29
N TRP B 39 -16.35 -11.54 -6.05
CA TRP B 39 -17.19 -12.63 -5.64
C TRP B 39 -16.45 -13.64 -4.73
N GLU B 40 -17.25 -14.36 -3.96
CA GLU B 40 -16.81 -15.50 -3.20
C GLU B 40 -16.76 -16.69 -4.13
N THR B 41 -15.74 -17.52 -3.95
CA THR B 41 -15.44 -18.64 -4.80
C THR B 41 -15.29 -19.99 -4.09
N GLN B 42 -15.22 -20.04 -2.76
CA GLN B 42 -15.01 -21.38 -2.07
C GLN B 42 -15.98 -21.66 -0.94
N LEU B 43 -16.48 -20.64 -0.26
CA LEU B 43 -17.30 -20.83 0.91
C LEU B 43 -18.82 -20.85 0.59
N GLY B 44 -19.55 -21.67 1.33
CA GLY B 44 -21.00 -21.72 1.23
C GLY B 44 -21.42 -22.37 -0.06
N LEU B 45 -22.12 -21.64 -0.92
CA LEU B 45 -22.58 -22.20 -2.14
C LEU B 45 -21.62 -22.01 -3.30
N ALA B 46 -20.57 -21.23 -3.11
CA ALA B 46 -19.62 -20.93 -4.19
C ALA B 46 -18.70 -22.10 -4.52
N PHE B 47 -18.35 -22.24 -5.79
CA PHE B 47 -17.43 -23.29 -6.17
C PHE B 47 -16.87 -23.00 -7.57
N LEU B 48 -15.75 -23.68 -7.86
CA LEU B 48 -15.06 -23.66 -9.10
C LEU B 48 -14.73 -25.10 -9.45
N ARG B 49 -15.13 -25.55 -10.62
CA ARG B 49 -14.76 -26.87 -11.14
C ARG B 49 -14.32 -26.73 -12.59
N GLY B 50 -13.00 -26.69 -12.81
CA GLY B 50 -12.37 -26.61 -14.16
C GLY B 50 -12.44 -25.18 -14.69
N LEU B 51 -12.70 -24.22 -13.82
CA LEU B 51 -12.59 -22.82 -14.13
C LEU B 51 -11.82 -22.18 -13.00
N SER B 52 -11.20 -21.04 -13.26
CA SER B 52 -10.45 -20.28 -12.25
C SER B 52 -11.06 -18.92 -12.10
N TYR B 53 -10.47 -18.16 -11.18
CA TYR B 53 -10.93 -16.84 -10.82
C TYR B 53 -9.77 -15.91 -10.50
N HIS B 54 -9.93 -14.64 -10.80
CA HIS B 54 -8.91 -13.67 -10.52
C HIS B 54 -9.54 -12.28 -10.51
N ASP B 55 -9.52 -11.62 -9.36
CA ASP B 55 -10.00 -10.23 -9.24
C ASP B 55 -11.34 -10.03 -9.88
N GLY B 56 -12.28 -10.93 -9.62
CA GLY B 56 -13.61 -10.74 -10.09
C GLY B 56 -13.96 -11.51 -11.34
N ALA B 57 -12.98 -12.07 -12.03
CA ALA B 57 -13.21 -12.64 -13.33
C ALA B 57 -13.18 -14.13 -13.29
N LEU B 58 -14.11 -14.79 -13.99
CA LEU B 58 -14.00 -16.19 -14.25
C LEU B 58 -12.97 -16.32 -15.36
N VAL B 59 -12.02 -17.24 -15.20
CA VAL B 59 -10.90 -17.35 -16.12
C VAL B 59 -11.05 -18.71 -16.75
N VAL B 60 -11.11 -18.73 -18.07
CA VAL B 60 -11.27 -19.96 -18.84
C VAL B 60 -9.94 -20.65 -19.12
N THR B 61 -9.92 -21.94 -18.94
CA THR B 61 -8.75 -22.73 -19.20
C THR B 61 -9.05 -23.78 -20.26
N LYS B 62 -10.31 -24.20 -20.38
CA LYS B 62 -10.71 -25.04 -21.50
C LYS B 62 -11.67 -24.31 -22.45
N ALA B 63 -11.19 -24.11 -23.66
CA ALA B 63 -11.83 -23.34 -24.68
C ALA B 63 -13.11 -24.03 -25.07
N GLY B 64 -14.14 -23.26 -25.42
CA GLY B 64 -15.44 -23.85 -25.78
C GLY B 64 -16.60 -22.86 -25.61
N TYR B 65 -17.82 -23.40 -25.71
CA TYR B 65 -19.04 -22.60 -25.58
C TYR B 65 -19.50 -22.78 -24.18
N TYR B 66 -19.80 -21.66 -23.52
CA TYR B 66 -20.22 -21.64 -22.14
C TYR B 66 -21.54 -20.93 -21.99
N TYR B 67 -22.50 -21.49 -21.25
CA TYR B 67 -23.69 -20.70 -20.82
C TYR B 67 -23.20 -19.93 -19.65
N ILE B 68 -23.11 -18.61 -19.76
CA ILE B 68 -22.79 -17.78 -18.61
C ILE B 68 -24.04 -17.11 -17.98
N TYR B 69 -24.04 -16.79 -16.70
CA TYR B 69 -25.21 -16.19 -16.09
C TYR B 69 -24.81 -15.31 -14.91
N SER B 70 -25.63 -14.28 -14.65
CA SER B 70 -25.48 -13.53 -13.41
C SER B 70 -26.82 -13.02 -12.95
N LYS B 71 -26.97 -12.87 -11.64
CA LYS B 71 -28.11 -12.14 -11.09
C LYS B 71 -27.65 -11.10 -10.13
N VAL B 72 -28.29 -9.95 -10.12
CA VAL B 72 -27.99 -8.96 -9.13
C VAL B 72 -29.29 -8.46 -8.56
N GLN B 73 -29.29 -8.33 -7.24
CA GLN B 73 -30.41 -7.88 -6.51
C GLN B 73 -30.24 -6.39 -6.32
N LEU B 74 -31.20 -5.62 -6.82
CA LEU B 74 -31.20 -4.18 -6.71
C LEU B 74 -32.28 -3.77 -5.73
N GLY B 75 -32.02 -2.66 -5.10
CA GLY B 75 -32.96 -2.05 -4.23
C GLY B 75 -32.58 -0.64 -3.85
N GLY B 76 -33.54 0.11 -3.34
CA GLY B 76 -33.32 1.49 -2.93
C GLY B 76 -34.54 2.18 -2.28
N VAL B 77 -34.35 3.46 -1.94
CA VAL B 77 -35.41 4.32 -1.40
C VAL B 77 -35.64 5.49 -2.37
N GLY B 78 -36.77 5.53 -3.05
CA GLY B 78 -37.01 6.56 -4.07
C GLY B 78 -36.00 6.51 -5.21
N CYS B 79 -36.01 7.47 -6.13
CA CYS B 79 -34.95 7.49 -7.11
C CYS B 79 -33.70 8.12 -6.57
N ALA B 84 -28.81 7.92 -13.50
CA ALA B 84 -28.99 7.59 -12.09
C ALA B 84 -30.18 6.63 -11.95
N SER B 85 -31.29 6.97 -12.59
CA SER B 85 -32.54 6.13 -12.46
C SER B 85 -32.51 4.81 -13.30
N THR B 86 -31.60 4.84 -14.27
CA THR B 86 -31.31 3.75 -15.19
C THR B 86 -30.08 2.92 -14.73
N ILE B 87 -30.27 1.62 -14.57
CA ILE B 87 -29.23 0.73 -14.12
C ILE B 87 -28.81 -0.19 -15.24
N THR B 88 -27.51 -0.35 -15.39
CA THR B 88 -26.98 -1.31 -16.33
C THR B 88 -26.38 -2.49 -15.61
N HIS B 89 -26.73 -3.69 -16.03
CA HIS B 89 -26.19 -4.87 -15.45
C HIS B 89 -25.71 -5.63 -16.65
N GLY B 90 -24.43 -5.95 -16.69
CA GLY B 90 -23.88 -6.71 -17.83
C GLY B 90 -22.76 -7.70 -17.56
N LEU B 91 -22.62 -8.60 -18.50
CA LEU B 91 -21.53 -9.55 -18.56
C LEU B 91 -20.60 -9.15 -19.71
N TYR B 92 -19.29 -9.05 -19.45
CA TYR B 92 -18.29 -8.51 -20.39
C TYR B 92 -17.13 -9.51 -20.45
N LYS B 93 -16.56 -9.69 -21.65
CA LYS B 93 -15.37 -10.47 -21.87
C LYS B 93 -14.12 -9.59 -21.84
N ARG B 94 -13.10 -10.09 -21.18
CA ARG B 94 -11.73 -9.60 -21.33
C ARG B 94 -10.91 -10.62 -22.03
N THR B 95 -10.27 -10.18 -23.08
CA THR B 95 -9.27 -11.01 -23.73
C THR B 95 -7.99 -10.17 -23.74
N PRO B 96 -6.86 -10.82 -23.57
CA PRO B 96 -5.57 -10.14 -23.77
C PRO B 96 -5.31 -9.74 -25.21
N ARG B 97 -6.10 -10.20 -26.15
CA ARG B 97 -5.94 -9.78 -27.53
C ARG B 97 -6.43 -8.37 -27.85
N TYR B 98 -7.13 -7.69 -26.92
CA TYR B 98 -7.73 -6.39 -27.23
C TYR B 98 -7.84 -5.54 -25.96
N PRO B 99 -7.46 -4.25 -26.02
CA PRO B 99 -7.26 -3.56 -24.71
C PRO B 99 -8.50 -2.97 -24.05
N GLU B 100 -9.69 -3.31 -24.52
CA GLU B 100 -10.89 -3.05 -23.67
C GLU B 100 -11.91 -4.17 -23.63
N GLU B 101 -12.73 -4.10 -22.61
CA GLU B 101 -13.81 -5.06 -22.42
C GLU B 101 -14.78 -5.14 -23.62
N LEU B 102 -15.28 -6.34 -23.91
CA LEU B 102 -16.29 -6.56 -25.00
C LEU B 102 -17.63 -6.94 -24.36
N GLU B 103 -18.67 -6.18 -24.61
CA GLU B 103 -19.99 -6.47 -24.02
C GLU B 103 -20.55 -7.80 -24.58
N LEU B 104 -21.11 -8.63 -23.70
CA LEU B 104 -21.69 -9.90 -24.14
C LEU B 104 -23.22 -9.94 -23.97
N LEU B 105 -23.69 -9.67 -22.77
CA LEU B 105 -25.09 -9.74 -22.44
C LEU B 105 -25.34 -8.60 -21.52
N VAL B 106 -26.32 -7.73 -21.80
CA VAL B 106 -26.53 -6.53 -21.03
C VAL B 106 -28.02 -6.24 -20.80
N SER B 107 -28.34 -5.67 -19.65
CA SER B 107 -29.71 -5.23 -19.37
C SER B 107 -29.74 -3.84 -18.82
N GLN B 108 -30.78 -3.12 -19.21
CA GLN B 108 -31.02 -1.80 -18.73
C GLN B 108 -32.34 -1.85 -18.07
N GLN B 109 -32.44 -1.18 -16.93
CA GLN B 109 -33.55 -1.36 -16.05
C GLN B 109 -33.81 -0.05 -15.34
N SER B 110 -35.05 0.32 -15.10
CA SER B 110 -35.29 1.51 -14.30
C SER B 110 -36.24 1.17 -13.15
N PRO B 111 -35.77 0.43 -12.15
CA PRO B 111 -36.65 -0.06 -11.10
C PRO B 111 -37.19 1.03 -10.15
N CYS B 112 -36.48 2.15 -10.01
CA CYS B 112 -36.88 3.15 -9.03
C CYS B 112 -38.21 3.79 -9.34
N GLY B 113 -38.77 3.49 -10.53
CA GLY B 113 -40.14 3.81 -10.89
C GLY B 113 -41.13 2.71 -10.55
N ARG B 120 -41.47 4.23 0.26
CA ARG B 120 -40.75 4.44 -1.01
C ARG B 120 -39.53 3.52 -1.27
N VAL B 121 -39.35 2.52 -0.40
CA VAL B 121 -38.54 1.34 -0.64
C VAL B 121 -38.99 0.59 -1.90
N TRP B 122 -38.01 0.15 -2.73
CA TRP B 122 -38.23 -0.77 -3.87
C TRP B 122 -37.11 -1.81 -4.01
N TRP B 123 -37.45 -2.92 -4.68
CA TRP B 123 -36.58 -4.01 -4.98
C TRP B 123 -36.87 -4.46 -6.38
N ASP B 124 -35.83 -4.96 -7.05
CA ASP B 124 -35.93 -5.54 -8.33
C ASP B 124 -34.70 -6.40 -8.51
N SER B 125 -34.85 -7.50 -9.23
CA SER B 125 -33.75 -8.40 -9.50
C SER B 125 -33.53 -8.40 -11.02
N SER B 126 -32.28 -8.52 -11.46
CA SER B 126 -31.96 -8.58 -12.88
C SER B 126 -31.19 -9.86 -13.08
N PHE B 127 -31.63 -10.66 -14.04
CA PHE B 127 -30.99 -11.91 -14.41
C PHE B 127 -30.55 -11.90 -15.88
N LEU B 128 -29.37 -12.43 -16.16
CA LEU B 128 -28.91 -12.58 -17.50
C LEU B 128 -28.30 -13.95 -17.66
N GLY B 129 -28.51 -14.53 -18.84
CA GLY B 129 -27.95 -15.78 -19.25
C GLY B 129 -27.78 -15.82 -20.78
N GLY B 130 -26.77 -16.55 -21.24
CA GLY B 130 -26.52 -16.68 -22.66
C GLY B 130 -25.27 -17.49 -22.88
N VAL B 131 -25.18 -18.11 -24.05
CA VAL B 131 -24.02 -18.89 -24.44
C VAL B 131 -23.06 -18.07 -25.31
N VAL B 132 -21.79 -18.09 -24.91
CA VAL B 132 -20.72 -17.33 -25.61
C VAL B 132 -19.50 -18.24 -25.81
N HIS B 133 -18.69 -17.89 -26.79
CA HIS B 133 -17.48 -18.65 -27.09
C HIS B 133 -16.36 -18.05 -26.31
N LEU B 134 -15.56 -18.85 -25.63
CA LEU B 134 -14.48 -18.32 -24.81
C LEU B 134 -13.27 -19.14 -25.07
N GLU B 135 -12.17 -18.47 -25.38
CA GLU B 135 -10.87 -19.18 -25.49
C GLU B 135 -10.20 -19.36 -24.14
N ALA B 136 -9.26 -20.30 -24.12
CA ALA B 136 -8.32 -20.44 -23.01
C ALA B 136 -7.64 -19.10 -22.80
N GLY B 137 -7.67 -18.63 -21.56
CA GLY B 137 -7.05 -17.38 -21.21
C GLY B 137 -8.01 -16.20 -21.18
N GLU B 138 -9.20 -16.33 -21.76
CA GLU B 138 -10.12 -15.19 -21.68
C GLU B 138 -10.89 -15.25 -20.37
N GLU B 139 -11.57 -14.15 -20.05
CA GLU B 139 -12.18 -13.97 -18.77
C GLU B 139 -13.57 -13.36 -19.01
N VAL B 140 -14.44 -13.54 -18.01
CA VAL B 140 -15.76 -12.91 -18.01
C VAL B 140 -15.93 -12.22 -16.72
N VAL B 141 -16.44 -10.98 -16.77
CA VAL B 141 -16.78 -10.23 -15.58
C VAL B 141 -18.22 -9.69 -15.58
N VAL B 142 -18.69 -9.29 -14.39
CA VAL B 142 -19.96 -8.64 -14.17
C VAL B 142 -19.74 -7.20 -13.74
N ARG B 143 -20.48 -6.26 -14.32
CA ARG B 143 -20.47 -4.84 -13.87
C ARG B 143 -21.86 -4.34 -13.69
N VAL B 144 -22.08 -3.51 -12.67
CA VAL B 144 -23.27 -2.73 -12.56
C VAL B 144 -23.05 -1.28 -12.26
N LEU B 145 -23.75 -0.48 -13.01
CA LEU B 145 -23.69 0.99 -12.94
C LEU B 145 -25.13 1.48 -12.71
N ASP B 146 -25.49 2.02 -11.55
CA ASP B 146 -24.59 2.35 -10.49
C ASP B 146 -24.69 1.20 -9.49
N GLU B 147 -23.50 0.68 -9.24
CA GLU B 147 -23.22 -0.35 -8.25
C GLU B 147 -23.81 -0.14 -6.86
N ARG B 148 -23.96 1.11 -6.42
CA ARG B 148 -24.50 1.41 -5.08
C ARG B 148 -25.93 0.82 -4.89
N LEU B 149 -26.63 0.56 -5.96
CA LEU B 149 -27.95 -0.04 -5.86
C LEU B 149 -27.96 -1.58 -5.66
N VAL B 150 -26.80 -2.23 -5.73
CA VAL B 150 -26.74 -3.66 -5.47
C VAL B 150 -26.85 -3.85 -3.96
N ARG B 151 -27.73 -4.76 -3.53
CA ARG B 151 -27.93 -5.05 -2.11
C ARG B 151 -27.60 -6.46 -1.72
N LEU B 152 -26.49 -6.60 -1.04
CA LEU B 152 -25.97 -7.88 -0.63
C LEU B 152 -26.76 -8.28 0.62
N ARG B 153 -27.06 -9.58 0.75
CA ARG B 153 -27.68 -10.11 1.97
CA ARG B 153 -27.63 -10.12 1.97
C ARG B 153 -26.95 -11.40 2.39
N ASP B 154 -26.79 -12.34 1.48
CA ASP B 154 -26.31 -13.65 1.90
C ASP B 154 -25.69 -14.56 0.87
N GLY B 155 -25.33 -14.05 -0.32
CA GLY B 155 -24.74 -14.90 -1.36
C GLY B 155 -25.77 -15.62 -2.27
N THR B 156 -27.05 -15.48 -1.96
CA THR B 156 -28.10 -16.06 -2.80
C THR B 156 -28.81 -15.11 -3.71
N ARG B 157 -28.61 -13.81 -3.52
CA ARG B 157 -29.37 -12.86 -4.31
C ARG B 157 -28.61 -12.16 -5.42
N SER B 158 -27.30 -12.08 -5.28
CA SER B 158 -26.44 -11.72 -6.39
C SER B 158 -25.41 -12.79 -6.59
N TYR B 159 -25.21 -13.26 -7.80
CA TYR B 159 -24.23 -14.27 -8.04
C TYR B 159 -23.82 -14.25 -9.54
N PHE B 160 -22.88 -15.12 -9.92
CA PHE B 160 -22.29 -15.13 -11.23
C PHE B 160 -21.73 -16.53 -11.46
N GLY B 161 -22.06 -17.19 -12.58
CA GLY B 161 -21.68 -18.57 -12.83
C GLY B 161 -21.57 -18.92 -14.31
N ALA B 162 -21.14 -20.15 -14.58
CA ALA B 162 -21.03 -20.63 -15.94
C ALA B 162 -20.91 -22.13 -16.00
N PHE B 163 -21.26 -22.70 -17.17
CA PHE B 163 -20.90 -24.07 -17.43
C PHE B 163 -20.74 -24.32 -18.90
N MET B 164 -19.84 -25.24 -19.24
CA MET B 164 -19.57 -25.52 -20.62
C MET B 164 -20.78 -26.25 -21.13
N VAL B 165 -21.12 -26.00 -22.38
CA VAL B 165 -22.33 -26.52 -23.05
C VAL B 165 -21.96 -27.26 -24.35
N THR C 4 5.17 -12.29 0.44
CA THR C 4 5.99 -12.48 -0.81
C THR C 4 5.47 -11.53 -1.91
N PRO C 5 6.30 -10.54 -2.36
CA PRO C 5 5.78 -9.59 -3.36
C PRO C 5 5.85 -10.22 -4.70
N THR C 6 5.13 -9.58 -5.60
CA THR C 6 4.75 -10.20 -6.83
C THR C 6 4.92 -9.22 -7.97
N TYR C 7 4.91 -9.75 -9.19
CA TYR C 7 4.82 -8.92 -10.35
C TYR C 7 3.87 -9.55 -11.37
N PRO C 8 3.18 -8.72 -12.14
CA PRO C 8 2.27 -9.23 -13.16
C PRO C 8 2.96 -9.80 -14.39
N TRP C 9 2.48 -10.93 -14.86
CA TRP C 9 2.98 -11.54 -16.07
C TRP C 9 1.76 -12.08 -16.90
N ARG C 10 2.05 -12.82 -17.96
CA ARG C 10 1.07 -13.41 -18.84
C ARG C 10 1.59 -14.78 -19.25
N ASP C 11 0.80 -15.86 -19.09
CA ASP C 11 1.22 -17.16 -19.62
C ASP C 11 1.39 -17.09 -21.14
N ALA C 12 2.46 -17.67 -21.63
CA ALA C 12 2.94 -17.38 -22.98
C ALA C 12 2.26 -18.30 -23.98
N GLU C 13 1.76 -19.44 -23.51
CA GLU C 13 0.96 -20.32 -24.34
C GLU C 13 -0.44 -19.78 -24.53
N THR C 14 -1.12 -19.49 -23.41
CA THR C 14 -2.52 -19.08 -23.44
C THR C 14 -2.82 -17.58 -23.42
N GLY C 15 -2.11 -16.83 -22.58
CA GLY C 15 -2.38 -15.43 -22.37
C GLY C 15 -3.01 -15.17 -21.00
N GLU C 16 -3.41 -16.18 -20.24
CA GLU C 16 -3.89 -15.89 -18.87
C GLU C 16 -2.98 -14.88 -18.14
N ARG C 17 -3.56 -13.95 -17.39
CA ARG C 17 -2.77 -13.09 -16.57
C ARG C 17 -2.21 -13.99 -15.52
N LEU C 18 -0.97 -13.71 -15.12
CA LEU C 18 -0.39 -14.42 -14.00
C LEU C 18 0.06 -13.42 -12.92
N VAL C 19 0.21 -13.93 -11.72
CA VAL C 19 0.69 -13.14 -10.63
C VAL C 19 1.89 -13.93 -10.16
N CYS C 20 3.10 -13.47 -10.57
CA CYS C 20 4.35 -14.14 -10.28
C CYS C 20 5.02 -13.65 -9.01
N ALA C 21 5.66 -14.59 -8.33
CA ALA C 21 6.56 -14.29 -7.22
C ALA C 21 7.79 -13.50 -7.69
N GLN C 22 8.07 -12.43 -6.95
CA GLN C 22 9.39 -11.84 -7.01
C GLN C 22 10.43 -12.80 -6.40
N CYS C 23 11.71 -12.42 -6.54
CA CYS C 23 12.86 -13.18 -6.09
C CYS C 23 13.56 -12.47 -4.92
N PRO C 24 14.11 -13.27 -3.98
CA PRO C 24 14.63 -12.65 -2.77
C PRO C 24 16.10 -12.16 -2.92
N PRO C 25 16.56 -11.37 -1.95
CA PRO C 25 17.97 -10.93 -1.92
C PRO C 25 18.92 -12.03 -2.19
N GLY C 26 19.91 -11.83 -3.07
CA GLY C 26 20.82 -12.92 -3.46
C GLY C 26 20.43 -13.61 -4.72
N THR C 27 19.23 -13.30 -5.18
CA THR C 27 18.74 -13.94 -6.42
C THR C 27 18.13 -12.94 -7.37
N PHE C 28 17.94 -13.41 -8.59
CA PHE C 28 17.25 -12.71 -9.62
C PHE C 28 16.32 -13.62 -10.43
N VAL C 29 15.37 -13.01 -11.16
CA VAL C 29 14.48 -13.81 -12.00
C VAL C 29 15.17 -14.39 -13.21
N GLN C 30 15.45 -15.66 -13.15
CA GLN C 30 16.01 -16.41 -14.27
C GLN C 30 14.91 -16.85 -15.22
N ARG C 31 13.70 -17.07 -14.70
CA ARG C 31 12.55 -17.46 -15.57
C ARG C 31 11.24 -17.01 -14.93
N PRO C 32 10.48 -16.22 -15.65
CA PRO C 32 9.19 -15.80 -15.09
C PRO C 32 8.28 -16.96 -14.73
N CYS C 33 7.29 -16.71 -13.88
CA CYS C 33 6.30 -17.76 -13.57
C CYS C 33 5.45 -18.18 -14.81
N ARG C 34 4.92 -19.40 -14.73
CA ARG C 34 4.01 -19.92 -15.75
C ARG C 34 2.73 -20.33 -15.03
N ARG C 35 1.71 -20.73 -15.79
CA ARG C 35 0.42 -21.13 -15.18
C ARG C 35 0.61 -22.24 -14.12
N ASP C 36 1.55 -23.14 -14.37
CA ASP C 36 1.75 -24.35 -13.54
C ASP C 36 3.11 -24.46 -12.79
N SER C 37 3.98 -23.44 -12.85
CA SER C 37 5.20 -23.39 -11.99
C SER C 37 5.59 -21.98 -11.50
N PRO C 38 6.18 -21.92 -10.29
CA PRO C 38 6.57 -20.59 -9.76
C PRO C 38 7.67 -19.88 -10.54
N THR C 39 7.93 -18.64 -10.18
CA THR C 39 9.07 -17.94 -10.74
C THR C 39 10.33 -18.77 -10.36
N THR C 40 11.21 -18.99 -11.34
CA THR C 40 12.53 -19.53 -11.06
C THR C 40 13.55 -18.43 -10.64
N CYS C 41 13.82 -18.31 -9.34
CA CYS C 41 14.89 -17.46 -8.82
C CYS C 41 16.26 -18.15 -8.90
N GLY C 42 17.15 -17.64 -9.75
CA GLY C 42 18.55 -18.06 -9.82
C GLY C 42 19.44 -17.31 -8.80
N PRO C 43 20.51 -17.95 -8.33
CA PRO C 43 21.48 -17.27 -7.44
C PRO C 43 22.32 -16.26 -8.23
N CYS C 44 22.70 -15.14 -7.62
CA CYS C 44 23.53 -14.20 -8.39
C CYS C 44 24.87 -14.77 -8.76
N PRO C 45 25.33 -14.52 -9.99
CA PRO C 45 26.66 -15.02 -10.24
C PRO C 45 27.75 -14.24 -9.50
N PRO C 46 28.98 -14.78 -9.51
CA PRO C 46 30.12 -14.07 -8.91
C PRO C 46 30.20 -12.63 -9.41
N ARG C 47 30.48 -11.72 -8.48
CA ARG C 47 30.72 -10.28 -8.77
C ARG C 47 29.44 -9.50 -9.02
N HIS C 48 28.31 -10.00 -8.51
CA HIS C 48 27.03 -9.38 -8.72
C HIS C 48 26.18 -9.58 -7.47
N TYR C 49 25.16 -8.77 -7.29
CA TYR C 49 24.36 -8.87 -6.12
C TYR C 49 22.98 -8.35 -6.37
N THR C 50 22.06 -8.74 -5.48
CA THR C 50 20.77 -8.10 -5.27
C THR C 50 20.53 -8.03 -3.76
N GLN C 51 20.26 -6.82 -3.30
CA GLN C 51 20.14 -6.54 -1.88
C GLN C 51 18.71 -6.62 -1.36
N PHE C 52 17.73 -6.57 -2.27
CA PHE C 52 16.35 -6.53 -1.91
C PHE C 52 15.61 -7.56 -2.68
N TRP C 53 14.36 -7.73 -2.30
CA TRP C 53 13.41 -8.49 -3.11
C TRP C 53 13.28 -7.77 -4.45
N ASN C 54 13.17 -8.49 -5.54
CA ASN C 54 13.33 -7.82 -6.81
C ASN C 54 12.78 -8.67 -7.94
N TYR C 55 12.65 -8.11 -9.15
CA TYR C 55 12.40 -8.92 -10.32
C TYR C 55 13.27 -8.51 -11.47
N LEU C 56 14.56 -8.35 -11.15
CA LEU C 56 15.58 -8.08 -12.16
C LEU C 56 15.82 -9.34 -12.89
N GLU C 57 16.24 -9.21 -14.11
CA GLU C 57 16.57 -10.30 -14.98
C GLU C 57 18.06 -10.49 -14.98
N ARG C 58 18.80 -9.59 -14.34
CA ARG C 58 20.21 -9.81 -14.01
C ARG C 58 20.52 -9.05 -12.73
N CYS C 59 21.42 -9.60 -11.97
CA CYS C 59 21.82 -9.03 -10.73
C CYS C 59 22.67 -7.78 -11.00
N ARG C 60 22.76 -6.92 -10.03
CA ARG C 60 23.51 -5.69 -10.15
C ARG C 60 25.00 -6.09 -10.03
N TYR C 61 25.86 -5.40 -10.77
CA TYR C 61 27.30 -5.60 -10.68
C TYR C 61 27.92 -4.99 -9.39
N CYS C 62 28.81 -5.74 -8.77
CA CYS C 62 29.64 -5.20 -7.67
C CYS C 62 30.68 -4.27 -8.29
N ASN C 63 30.27 -3.03 -8.45
CA ASN C 63 31.01 -2.06 -9.27
C ASN C 63 32.01 -1.21 -8.44
N VAL C 64 31.95 -1.35 -7.11
CA VAL C 64 32.74 -0.52 -6.19
C VAL C 64 34.21 -0.87 -6.21
N LEU C 65 35.05 0.16 -6.33
CA LEU C 65 36.49 0.03 -6.41
C LEU C 65 37.10 0.74 -5.24
N CYS C 66 38.06 0.10 -4.60
CA CYS C 66 38.74 0.69 -3.47
C CYS C 66 40.14 1.19 -3.92
N GLY C 67 40.52 2.39 -3.52
CA GLY C 67 41.85 2.96 -3.86
C GLY C 67 43.05 2.39 -3.08
N GLU C 68 44.21 2.96 -3.30
CA GLU C 68 45.46 2.46 -2.67
C GLU C 68 45.44 2.70 -1.14
N ARG C 69 44.77 3.77 -0.67
CA ARG C 69 44.66 4.03 0.75
C ARG C 69 43.46 3.34 1.42
N GLU C 70 42.73 2.48 0.72
CA GLU C 70 41.52 1.92 1.30
C GLU C 70 41.59 0.42 1.36
N GLU C 71 40.63 -0.18 2.04
CA GLU C 71 40.53 -1.62 1.99
C GLU C 71 39.06 -1.93 2.04
N GLU C 72 38.72 -3.16 1.72
CA GLU C 72 37.35 -3.61 1.80
C GLU C 72 36.79 -3.59 3.23
N ALA C 73 35.82 -2.75 3.49
CA ALA C 73 35.02 -2.95 4.67
C ALA C 73 34.02 -4.09 4.49
N ARG C 74 33.40 -4.24 3.32
CA ARG C 74 32.60 -5.46 3.06
C ARG C 74 32.97 -5.96 1.72
N ALA C 75 32.99 -7.26 1.58
CA ALA C 75 33.30 -7.83 0.33
C ALA C 75 32.04 -7.84 -0.60
N CYS C 76 32.29 -8.07 -1.90
CA CYS C 76 31.22 -8.37 -2.82
C CYS C 76 30.60 -9.67 -2.30
N HIS C 77 29.29 -9.64 -2.08
CA HIS C 77 28.54 -10.83 -1.69
C HIS C 77 27.21 -10.85 -2.48
N ALA C 78 26.58 -12.02 -2.60
CA ALA C 78 25.29 -12.16 -3.30
C ALA C 78 24.23 -11.16 -2.85
N THR C 79 24.27 -10.72 -1.62
CA THR C 79 23.27 -9.80 -1.10
C THR C 79 23.74 -8.37 -0.91
N HIS C 80 25.00 -8.06 -1.25
CA HIS C 80 25.47 -6.64 -1.16
C HIS C 80 26.69 -6.36 -2.02
N ASN C 81 26.80 -5.12 -2.45
CA ASN C 81 28.01 -4.63 -3.14
C ASN C 81 29.14 -4.63 -2.16
N ARG C 82 30.34 -4.54 -2.69
CA ARG C 82 31.51 -4.24 -1.91
C ARG C 82 31.42 -2.84 -1.31
N ALA C 83 32.16 -2.60 -0.24
CA ALA C 83 32.32 -1.26 0.34
C ALA C 83 33.74 -1.12 0.92
N CYS C 84 34.16 0.12 1.12
CA CYS C 84 35.56 0.46 1.32
C CYS C 84 35.69 1.31 2.56
N ARG C 85 36.85 1.24 3.21
CA ARG C 85 37.17 2.16 4.31
C ARG C 85 38.65 2.43 4.23
N CYS C 86 39.06 3.42 4.98
CA CYS C 86 40.49 3.77 4.99
C CYS C 86 41.28 2.68 5.77
N ARG C 87 42.49 2.39 5.29
CA ARG C 87 43.44 1.58 6.03
C ARG C 87 43.93 2.32 7.27
N THR C 88 44.59 1.57 8.15
CA THR C 88 45.27 2.08 9.35
C THR C 88 46.13 3.29 9.00
N GLY C 89 46.13 4.31 9.87
CA GLY C 89 46.96 5.50 9.66
C GLY C 89 46.28 6.57 8.85
N PHE C 90 45.06 6.27 8.35
CA PHE C 90 44.25 7.21 7.56
C PHE C 90 42.82 7.32 8.05
N PHE C 91 42.23 8.47 7.81
CA PHE C 91 40.84 8.74 8.11
C PHE C 91 40.08 9.39 6.94
N ALA C 92 38.76 9.21 6.93
CA ALA C 92 37.96 9.66 5.82
C ALA C 92 37.59 11.11 5.94
N HIS C 93 37.87 11.86 4.89
CA HIS C 93 37.40 13.21 4.79
C HIS C 93 37.12 13.55 3.31
N ALA C 94 35.86 13.95 3.05
CA ALA C 94 35.42 14.43 1.74
C ALA C 94 35.75 13.41 0.64
N GLY C 95 35.45 12.14 0.88
CA GLY C 95 35.77 11.04 -0.03
C GLY C 95 37.25 10.70 -0.22
N PHE C 96 38.14 11.35 0.53
CA PHE C 96 39.55 10.86 0.62
C PHE C 96 39.94 10.12 1.92
N CYS C 97 41.05 9.40 1.85
CA CYS C 97 41.71 8.86 3.01
C CYS C 97 43.00 9.67 3.29
N LEU C 98 42.95 10.56 4.29
CA LEU C 98 44.06 11.46 4.65
C LEU C 98 44.87 10.90 5.84
N GLU C 99 46.16 11.22 5.93
CA GLU C 99 47.04 10.75 7.03
C GLU C 99 46.61 11.30 8.36
N HIS C 100 46.55 10.41 9.36
CA HIS C 100 46.31 10.84 10.76
C HIS C 100 47.38 11.88 11.14
N ALA C 101 46.93 13.09 11.50
CA ALA C 101 47.76 14.15 12.06
C ALA C 101 48.55 13.70 13.29
N SER C 102 49.58 14.49 13.57
CA SER C 102 50.48 14.26 14.65
C SER C 102 50.27 15.47 15.53
N CYS C 103 50.19 15.27 16.86
CA CYS C 103 50.13 16.42 17.82
C CYS C 103 51.56 16.98 18.01
N PRO C 104 51.75 18.26 17.77
CA PRO C 104 53.10 18.77 17.94
C PRO C 104 53.59 18.72 19.43
N PRO C 105 54.87 19.08 19.66
CA PRO C 105 55.38 19.34 21.00
C PRO C 105 54.54 20.39 21.71
N GLY C 106 54.26 20.18 22.96
CA GLY C 106 53.33 21.09 23.62
C GLY C 106 51.91 20.61 23.65
N ALA C 107 51.66 19.50 22.94
CA ALA C 107 50.29 18.97 22.82
C ALA C 107 50.28 17.47 22.82
N GLY C 108 49.17 16.88 23.25
CA GLY C 108 49.08 15.42 23.26
C GLY C 108 47.78 14.82 22.76
N VAL C 109 47.90 13.59 22.26
CA VAL C 109 46.75 12.84 21.79
C VAL C 109 45.78 12.62 22.93
N ILE C 110 44.55 13.07 22.77
CA ILE C 110 43.45 12.66 23.64
C ILE C 110 42.53 11.64 22.99
N ALA C 111 42.57 11.46 21.67
CA ALA C 111 41.93 10.27 21.04
C ALA C 111 42.72 9.85 19.80
N PRO C 112 43.19 8.61 19.76
CA PRO C 112 43.89 8.21 18.54
C PRO C 112 42.96 8.27 17.30
N GLY C 113 43.58 8.34 16.14
CA GLY C 113 42.88 8.41 14.87
C GLY C 113 42.19 7.10 14.60
N THR C 114 41.10 7.15 13.83
CA THR C 114 40.36 5.96 13.34
C THR C 114 40.11 6.10 11.82
N PRO C 115 39.53 5.06 11.21
CA PRO C 115 39.10 5.20 9.83
C PRO C 115 38.20 6.37 9.57
N SER C 116 37.43 6.80 10.57
CA SER C 116 36.45 7.90 10.37
C SER C 116 36.82 9.19 11.02
N GLN C 117 37.91 9.20 11.78
CA GLN C 117 38.20 10.36 12.64
C GLN C 117 39.69 10.64 12.61
N ASN C 118 40.04 11.91 12.59
CA ASN C 118 41.45 12.28 12.67
C ASN C 118 41.86 12.23 14.13
N THR C 119 43.16 12.04 14.36
CA THR C 119 43.75 12.29 15.66
C THR C 119 43.12 13.46 16.37
N GLN C 120 42.75 13.27 17.63
CA GLN C 120 42.34 14.41 18.47
C GLN C 120 43.52 14.84 19.42
N CYS C 121 43.71 16.15 19.58
CA CYS C 121 44.87 16.71 20.27
C CYS C 121 44.40 17.69 21.27
N GLN C 122 45.16 17.86 22.35
CA GLN C 122 45.04 19.09 23.13
C GLN C 122 46.37 19.62 23.58
N PRO C 123 46.40 20.90 23.98
CA PRO C 123 47.57 21.47 24.55
C PRO C 123 47.76 20.89 25.97
N CYS C 124 48.99 20.54 26.30
CA CYS C 124 49.24 19.83 27.55
C CYS C 124 48.87 20.75 28.69
N PRO C 125 48.06 20.23 29.63
CA PRO C 125 47.68 21.13 30.69
C PRO C 125 48.80 21.16 31.69
N PRO C 126 48.70 22.10 32.61
CA PRO C 126 49.78 22.43 33.53
C PRO C 126 50.22 21.20 34.29
N GLY C 127 51.52 21.03 34.47
CA GLY C 127 52.01 19.83 35.19
C GLY C 127 52.21 18.64 34.28
N THR C 128 51.88 18.81 32.98
CA THR C 128 52.16 17.77 31.95
C THR C 128 52.91 18.28 30.70
N PHE C 129 53.40 17.33 29.89
CA PHE C 129 54.18 17.67 28.77
C PHE C 129 54.16 16.64 27.72
N SER C 130 54.58 17.12 26.56
CA SER C 130 54.88 16.30 25.45
C SER C 130 55.94 17.02 24.61
N ALA C 131 57.08 16.39 24.46
CA ALA C 131 58.26 16.92 23.77
C ALA C 131 58.32 16.62 22.29
N SER C 132 57.45 15.74 21.83
CA SER C 132 57.49 15.20 20.45
C SER C 132 56.28 15.54 19.57
N SER C 133 56.48 15.67 18.25
CA SER C 133 55.37 15.70 17.25
C SER C 133 55.05 14.23 17.09
N SER C 134 53.87 13.80 17.55
CA SER C 134 53.53 12.35 17.59
C SER C 134 52.05 12.08 17.44
N SER C 135 51.75 10.92 16.89
CA SER C 135 50.33 10.66 16.57
C SER C 135 49.75 9.72 17.58
N SER C 136 50.61 9.20 18.48
CA SER C 136 50.20 8.41 19.65
C SER C 136 50.46 9.05 21.02
N GLU C 137 51.62 9.69 21.22
CA GLU C 137 52.03 10.21 22.55
C GLU C 137 51.01 11.16 23.20
N GLN C 138 50.61 10.85 24.42
CA GLN C 138 49.77 11.73 25.25
C GLN C 138 50.59 12.66 26.08
N CYS C 139 49.97 13.72 26.55
CA CYS C 139 50.55 14.53 27.60
C CYS C 139 50.84 13.62 28.82
N GLN C 140 52.10 13.59 29.27
CA GLN C 140 52.57 12.77 30.41
C GLN C 140 52.88 13.71 31.60
N PRO C 141 52.61 13.27 32.86
CA PRO C 141 52.95 14.16 33.98
C PRO C 141 54.45 14.43 34.14
N HIS C 142 54.74 15.67 34.57
CA HIS C 142 56.13 16.02 34.83
C HIS C 142 56.74 15.08 35.87
N ARG C 143 57.97 14.66 35.64
CA ARG C 143 58.79 14.15 36.70
C ARG C 143 58.60 15.01 37.95
N ASN C 144 58.29 14.33 39.06
CA ASN C 144 57.90 15.01 40.29
C ASN C 144 59.03 14.96 41.32
N CYS C 145 59.84 16.01 41.31
CA CYS C 145 61.05 16.05 42.13
C CYS C 145 60.80 15.90 43.65
N THR C 146 59.74 16.51 44.14
CA THR C 146 59.47 16.42 45.55
C THR C 146 59.12 14.96 45.95
N ALA C 147 58.38 14.24 45.09
CA ALA C 147 58.03 12.83 45.27
C ALA C 147 59.25 11.93 45.27
N LEU C 148 60.28 12.30 44.54
CA LEU C 148 61.56 11.56 44.50
C LEU C 148 62.52 11.99 45.62
N GLY C 149 62.17 12.99 46.45
CA GLY C 149 63.12 13.59 47.39
C GLY C 149 64.35 14.21 46.77
N LEU C 150 64.27 14.67 45.54
CA LEU C 150 65.42 15.28 44.83
C LEU C 150 65.14 16.78 44.66
N ALA C 151 66.21 17.60 44.59
CA ALA C 151 66.09 19.08 44.32
C ALA C 151 65.67 19.31 42.85
N LEU C 152 64.83 20.29 42.64
CA LEU C 152 64.55 20.88 41.34
C LEU C 152 65.83 21.36 40.63
N ASN C 153 66.09 20.90 39.43
CA ASN C 153 67.15 21.47 38.65
C ASN C 153 66.59 22.48 37.63
N VAL C 154 65.77 22.00 36.68
CA VAL C 154 65.14 22.90 35.69
C VAL C 154 63.66 22.60 35.58
N PRO C 155 62.82 23.61 35.88
CA PRO C 155 61.36 23.49 35.84
C PRO C 155 60.97 23.02 34.45
N GLY C 156 59.92 22.22 34.31
CA GLY C 156 59.48 21.79 33.00
C GLY C 156 58.47 22.73 32.35
N SER C 157 57.90 22.28 31.24
CA SER C 157 56.94 23.08 30.53
C SER C 157 56.03 22.16 29.82
N SER C 158 55.27 22.71 28.91
CA SER C 158 54.33 21.91 28.17
C SER C 158 55.00 21.04 27.15
N SER C 159 56.27 21.35 26.87
CA SER C 159 56.97 20.66 25.82
C SER C 159 58.28 20.04 26.25
N HIS C 160 58.58 20.07 27.55
CA HIS C 160 59.85 19.50 28.11
C HIS C 160 59.62 19.08 29.57
N ASP C 161 60.14 17.94 29.91
CA ASP C 161 59.99 17.41 31.28
C ASP C 161 60.80 18.26 32.25
N THR C 162 60.33 18.29 33.48
CA THR C 162 61.08 18.83 34.61
C THR C 162 62.31 18.04 34.85
N LEU C 163 63.40 18.70 35.21
CA LEU C 163 64.68 17.98 35.53
C LEU C 163 65.00 18.18 37.00
N CYS C 164 65.40 17.10 37.67
CA CYS C 164 65.76 17.16 39.08
C CYS C 164 67.21 16.91 39.14
N THR C 165 67.88 17.32 40.21
CA THR C 165 69.25 16.87 40.42
C THR C 165 69.27 15.35 40.73
N SER C 166 70.43 14.79 41.04
CA SER C 166 70.39 13.55 41.84
C SER C 166 70.67 13.94 43.31
N THR D 4 -30.08 -38.54 22.23
CA THR D 4 -29.26 -38.45 20.99
C THR D 4 -29.99 -39.03 19.79
N PRO D 5 -30.34 -38.19 18.82
CA PRO D 5 -30.99 -38.66 17.58
C PRO D 5 -29.98 -39.31 16.74
N THR D 6 -30.46 -40.02 15.73
CA THR D 6 -29.62 -40.88 14.96
C THR D 6 -29.98 -40.74 13.52
N TYR D 7 -29.14 -41.26 12.64
CA TYR D 7 -29.42 -41.28 11.22
C TYR D 7 -28.96 -42.61 10.73
N PRO D 8 -29.54 -43.06 9.61
CA PRO D 8 -29.15 -44.29 8.97
C PRO D 8 -28.04 -44.05 7.97
N TRP D 9 -27.08 -44.97 7.92
CA TRP D 9 -25.94 -44.87 7.01
C TRP D 9 -25.52 -46.25 6.54
N ARG D 10 -25.54 -46.46 5.23
CA ARG D 10 -25.02 -47.70 4.63
C ARG D 10 -23.50 -47.63 4.58
N ASP D 11 -22.82 -48.50 5.33
CA ASP D 11 -21.36 -48.46 5.44
C ASP D 11 -20.64 -48.04 4.13
N ALA D 12 -19.66 -47.14 4.29
CA ALA D 12 -18.94 -46.54 3.17
C ALA D 12 -18.52 -47.56 2.09
N GLU D 13 -17.90 -48.69 2.49
CA GLU D 13 -17.58 -49.78 1.51
C GLU D 13 -17.79 -51.25 1.99
N THR D 14 -18.00 -51.47 3.28
CA THR D 14 -18.42 -52.80 3.76
C THR D 14 -19.81 -53.16 3.21
N GLY D 15 -20.69 -52.17 3.04
CA GLY D 15 -22.07 -52.38 2.55
C GLY D 15 -23.14 -52.47 3.64
N GLU D 16 -22.70 -52.81 4.86
CA GLU D 16 -23.60 -53.07 5.98
C GLU D 16 -24.36 -51.80 6.41
N ARG D 17 -25.64 -51.96 6.70
CA ARG D 17 -26.58 -50.85 6.83
C ARG D 17 -26.85 -50.42 8.29
N LEU D 18 -26.28 -49.28 8.73
CA LEU D 18 -26.11 -48.91 10.17
C LEU D 18 -27.10 -47.89 10.79
N VAL D 19 -26.96 -47.66 12.11
CA VAL D 19 -27.73 -46.61 12.80
C VAL D 19 -26.78 -45.69 13.64
N CYS D 20 -26.39 -44.56 13.04
CA CYS D 20 -25.34 -43.67 13.56
C CYS D 20 -25.87 -42.53 14.43
N ALA D 21 -25.07 -42.14 15.42
CA ALA D 21 -25.38 -40.97 16.22
C ALA D 21 -25.15 -39.72 15.35
N GLN D 22 -26.11 -38.80 15.43
CA GLN D 22 -25.96 -37.49 14.82
C GLN D 22 -25.09 -36.64 15.69
N CYS D 23 -24.71 -35.51 15.10
CA CYS D 23 -23.82 -34.60 15.74
C CYS D 23 -24.61 -33.40 16.21
N PRO D 24 -24.23 -32.87 17.39
CA PRO D 24 -24.95 -31.76 17.97
C PRO D 24 -24.57 -30.44 17.35
N PRO D 25 -25.40 -29.43 17.62
CA PRO D 25 -25.15 -28.07 17.23
C PRO D 25 -23.71 -27.65 17.54
N GLY D 26 -23.02 -27.06 16.56
CA GLY D 26 -21.64 -26.54 16.80
C GLY D 26 -20.68 -27.58 16.27
N THR D 27 -21.21 -28.67 15.73
CA THR D 27 -20.40 -29.75 15.18
C THR D 27 -20.98 -30.24 13.87
N PHE D 28 -20.20 -31.07 13.20
CA PHE D 28 -20.63 -31.71 11.95
C PHE D 28 -20.02 -33.09 11.87
N VAL D 29 -20.46 -33.88 10.89
CA VAL D 29 -19.91 -35.26 10.78
C VAL D 29 -18.55 -35.22 10.10
N GLN D 30 -17.52 -35.28 10.93
CA GLN D 30 -16.13 -35.41 10.47
C GLN D 30 -15.85 -36.79 9.91
N ARG D 31 -16.40 -37.83 10.56
CA ARG D 31 -16.28 -39.22 10.12
C ARG D 31 -17.54 -40.01 10.49
N PRO D 32 -18.17 -40.66 9.49
CA PRO D 32 -19.38 -41.42 9.81
C PRO D 32 -19.13 -42.55 10.77
N CYS D 33 -20.21 -43.07 11.35
CA CYS D 33 -20.08 -44.18 12.28
C CYS D 33 -19.72 -45.44 11.46
N ARG D 34 -19.08 -46.41 12.12
CA ARG D 34 -18.61 -47.64 11.46
C ARG D 34 -19.13 -48.88 12.21
N ARG D 35 -18.54 -50.05 11.94
CA ARG D 35 -18.80 -51.28 12.68
C ARG D 35 -18.56 -51.09 14.18
N ASP D 36 -17.31 -50.76 14.51
CA ASP D 36 -16.84 -50.70 15.88
C ASP D 36 -16.99 -49.31 16.48
N SER D 37 -16.80 -48.27 15.66
CA SER D 37 -16.65 -46.88 16.16
C SER D 37 -17.92 -46.03 15.99
N PRO D 38 -18.22 -45.17 17.00
CA PRO D 38 -19.31 -44.22 16.88
C PRO D 38 -18.96 -43.06 15.92
N THR D 39 -19.98 -42.32 15.53
CA THR D 39 -19.84 -41.14 14.67
C THR D 39 -18.76 -40.22 15.23
N THR D 40 -17.91 -39.68 14.40
CA THR D 40 -16.99 -38.66 14.91
C THR D 40 -17.47 -37.25 14.53
N CYS D 41 -17.69 -36.42 15.54
CA CYS D 41 -18.24 -35.13 15.35
C CYS D 41 -17.11 -34.18 15.58
N GLY D 42 -16.80 -33.30 14.61
CA GLY D 42 -15.84 -32.21 14.80
C GLY D 42 -16.51 -30.87 15.05
N PRO D 43 -15.82 -29.96 15.71
CA PRO D 43 -16.35 -28.60 15.91
C PRO D 43 -16.38 -27.80 14.57
N CYS D 44 -17.33 -26.89 14.41
CA CYS D 44 -17.39 -26.10 13.19
C CYS D 44 -16.12 -25.25 13.02
N PRO D 45 -15.55 -25.22 11.81
CA PRO D 45 -14.47 -24.24 11.62
C PRO D 45 -14.98 -22.82 11.82
N PRO D 46 -14.05 -21.88 11.97
CA PRO D 46 -14.47 -20.49 12.02
C PRO D 46 -15.29 -20.14 10.76
N ARG D 47 -16.20 -19.20 10.96
CA ARG D 47 -17.05 -18.61 9.93
C ARG D 47 -18.15 -19.56 9.44
N HIS D 48 -18.36 -20.64 10.20
CA HIS D 48 -19.31 -21.70 9.91
C HIS D 48 -20.13 -22.09 11.15
N TYR D 49 -21.23 -22.83 10.97
CA TYR D 49 -22.12 -23.13 12.05
C TYR D 49 -23.06 -24.24 11.71
N THR D 50 -23.66 -24.77 12.77
CA THR D 50 -24.78 -25.72 12.72
C THR D 50 -25.62 -25.40 13.95
N GLN D 51 -26.89 -25.09 13.71
CA GLN D 51 -27.72 -24.59 14.76
C GLN D 51 -28.51 -25.74 15.42
N PHE D 52 -28.62 -26.86 14.71
CA PHE D 52 -29.39 -28.03 15.09
C PHE D 52 -28.56 -29.31 15.02
N TRP D 53 -29.12 -30.37 15.60
CA TRP D 53 -28.60 -31.74 15.42
C TRP D 53 -28.60 -32.01 13.93
N ASN D 54 -27.60 -32.72 13.45
CA ASN D 54 -27.38 -32.83 12.01
C ASN D 54 -26.44 -33.96 11.67
N TYR D 55 -26.48 -34.40 10.43
CA TYR D 55 -25.44 -35.27 9.86
C TYR D 55 -24.85 -34.69 8.59
N LEU D 56 -24.57 -33.39 8.66
CA LEU D 56 -23.94 -32.67 7.53
C LEU D 56 -22.44 -33.01 7.55
N GLU D 57 -21.83 -33.13 6.39
CA GLU D 57 -20.38 -33.40 6.32
C GLU D 57 -19.56 -32.09 6.23
N ARG D 58 -20.24 -30.94 6.26
CA ARG D 58 -19.64 -29.61 6.25
C ARG D 58 -20.62 -28.72 7.04
N CYS D 59 -20.13 -27.90 7.97
CA CYS D 59 -20.98 -26.97 8.64
C CYS D 59 -21.52 -25.97 7.62
N ARG D 60 -22.63 -25.31 7.93
CA ARG D 60 -23.15 -24.21 7.08
C ARG D 60 -22.26 -22.98 7.22
N TYR D 61 -22.28 -22.16 6.19
CA TYR D 61 -21.43 -20.97 6.18
C TYR D 61 -22.17 -19.77 6.77
N CYS D 62 -21.49 -18.97 7.57
CA CYS D 62 -22.08 -17.76 8.12
C CYS D 62 -22.12 -16.73 7.00
N ASN D 63 -23.17 -16.82 6.23
CA ASN D 63 -23.22 -16.10 5.00
C ASN D 63 -23.90 -14.75 5.12
N VAL D 64 -24.43 -14.39 6.29
CA VAL D 64 -25.17 -13.15 6.42
C VAL D 64 -24.22 -11.93 6.41
N LEU D 65 -24.61 -10.90 5.68
CA LEU D 65 -23.86 -9.67 5.49
C LEU D 65 -24.67 -8.50 5.96
N CYS D 66 -24.05 -7.64 6.75
CA CYS D 66 -24.70 -6.42 7.21
C CYS D 66 -24.26 -5.25 6.35
N GLY D 67 -25.19 -4.43 5.87
CA GLY D 67 -24.87 -3.20 5.12
C GLY D 67 -24.41 -2.05 6.01
N GLU D 68 -24.02 -0.93 5.41
CA GLU D 68 -23.40 0.16 6.17
C GLU D 68 -24.38 0.78 7.20
N ARG D 69 -25.70 0.61 6.99
CA ARG D 69 -26.68 1.14 7.95
C ARG D 69 -27.11 0.13 9.03
N GLU D 70 -26.39 -1.00 9.06
CA GLU D 70 -26.66 -2.09 9.98
C GLU D 70 -25.46 -2.40 10.85
N GLU D 71 -25.70 -3.10 11.94
CA GLU D 71 -24.65 -3.64 12.82
C GLU D 71 -25.06 -5.09 13.12
N GLU D 72 -24.14 -5.89 13.63
CA GLU D 72 -24.44 -7.23 14.08
C GLU D 72 -25.34 -7.28 15.32
N ALA D 73 -26.52 -7.86 15.20
CA ALA D 73 -27.31 -8.18 16.40
C ALA D 73 -26.74 -9.44 17.07
N ARG D 74 -26.12 -10.31 16.30
CA ARG D 74 -25.46 -11.48 16.78
C ARG D 74 -24.33 -11.75 15.83
N ALA D 75 -23.25 -12.20 16.36
CA ALA D 75 -22.11 -12.57 15.60
C ALA D 75 -22.23 -14.00 15.05
N CYS D 76 -21.37 -14.34 14.09
CA CYS D 76 -21.15 -15.71 13.69
C CYS D 76 -20.71 -16.45 14.94
N HIS D 77 -21.26 -17.61 15.14
CA HIS D 77 -20.92 -18.46 16.26
C HIS D 77 -21.05 -19.87 15.73
N ALA D 78 -20.38 -20.83 16.37
CA ALA D 78 -20.51 -22.24 15.99
C ALA D 78 -21.97 -22.74 15.94
N THR D 79 -22.88 -22.12 16.68
CA THR D 79 -24.30 -22.59 16.74
C THR D 79 -25.32 -21.71 16.03
N HIS D 80 -24.87 -20.63 15.40
CA HIS D 80 -25.78 -19.76 14.66
C HIS D 80 -25.04 -18.81 13.73
N ASN D 81 -25.74 -18.42 12.68
CA ASN D 81 -25.31 -17.41 11.73
C ASN D 81 -25.27 -16.03 12.41
N ARG D 82 -24.51 -15.12 11.86
CA ARG D 82 -24.64 -13.69 12.07
C ARG D 82 -26.09 -13.29 11.78
N ALA D 83 -26.50 -12.23 12.44
CA ALA D 83 -27.76 -11.51 12.15
C ALA D 83 -27.49 -10.02 12.30
N CYS D 84 -28.32 -9.19 11.66
CA CYS D 84 -28.06 -7.78 11.55
C CYS D 84 -29.21 -7.00 12.06
N ARG D 85 -28.96 -5.79 12.58
CA ARG D 85 -30.05 -4.87 12.83
C ARG D 85 -29.63 -3.46 12.41
N CYS D 86 -30.63 -2.61 12.28
CA CYS D 86 -30.42 -1.21 12.00
C CYS D 86 -29.61 -0.51 13.10
N ARG D 87 -28.65 0.30 12.68
CA ARG D 87 -27.88 1.13 13.56
C ARG D 87 -28.78 2.20 14.17
N THR D 88 -28.22 2.79 15.24
CA THR D 88 -28.79 3.92 15.95
C THR D 88 -29.22 4.97 14.94
N GLY D 89 -30.41 5.49 15.13
CA GLY D 89 -30.93 6.48 14.21
C GLY D 89 -31.65 5.92 13.01
N PHE D 90 -31.72 4.59 12.84
CA PHE D 90 -32.49 4.00 11.73
C PHE D 90 -33.48 2.95 12.18
N PHE D 91 -34.57 2.78 11.46
CA PHE D 91 -35.55 1.74 11.76
C PHE D 91 -35.76 0.81 10.57
N ALA D 92 -36.19 -0.45 10.81
CA ALA D 92 -36.37 -1.48 9.74
C ALA D 92 -37.69 -1.34 9.04
N HIS D 93 -37.64 -1.23 7.72
CA HIS D 93 -38.84 -1.20 6.92
C HIS D 93 -38.50 -1.84 5.58
N ALA D 94 -39.34 -2.82 5.21
CA ALA D 94 -39.19 -3.69 4.01
C ALA D 94 -37.75 -4.02 3.65
N GLY D 95 -36.98 -4.48 4.66
CA GLY D 95 -35.58 -4.92 4.47
C GLY D 95 -34.54 -3.81 4.37
N PHE D 96 -34.99 -2.55 4.48
CA PHE D 96 -34.11 -1.37 4.57
C PHE D 96 -34.07 -0.74 5.98
N CYS D 97 -32.97 -0.06 6.26
CA CYS D 97 -32.85 0.77 7.44
C CYS D 97 -33.06 2.23 7.06
N LEU D 98 -34.23 2.80 7.41
CA LEU D 98 -34.60 4.20 7.09
C LEU D 98 -34.30 5.12 8.26
N GLU D 99 -34.09 6.40 7.98
CA GLU D 99 -33.80 7.39 9.06
C GLU D 99 -35.03 7.62 9.95
N HIS D 100 -34.82 7.74 11.25
CA HIS D 100 -35.96 8.06 12.11
C HIS D 100 -36.50 9.40 11.71
N ALA D 101 -37.83 9.48 11.56
CA ALA D 101 -38.50 10.73 11.18
C ALA D 101 -38.50 11.69 12.36
N SER D 102 -38.64 12.98 12.04
CA SER D 102 -38.83 14.00 13.11
C SER D 102 -40.22 14.58 13.04
N CYS D 103 -40.67 15.02 14.21
CA CYS D 103 -42.01 15.55 14.36
C CYS D 103 -41.89 17.04 14.06
N PRO D 104 -42.68 17.53 13.10
CA PRO D 104 -42.64 18.96 12.79
C PRO D 104 -43.20 19.87 13.92
N PRO D 105 -43.04 21.20 13.75
CA PRO D 105 -43.65 22.20 14.60
C PRO D 105 -45.14 21.96 14.68
N GLY D 106 -45.71 22.08 15.88
CA GLY D 106 -47.08 21.70 16.11
C GLY D 106 -47.33 20.26 16.48
N ALA D 107 -46.29 19.46 16.52
CA ALA D 107 -46.41 18.05 16.87
C ALA D 107 -45.23 17.61 17.67
N GLY D 108 -45.42 16.58 18.49
CA GLY D 108 -44.36 16.18 19.40
C GLY D 108 -44.24 14.68 19.44
N VAL D 109 -43.08 14.24 19.88
CA VAL D 109 -42.74 12.84 19.94
C VAL D 109 -43.45 12.19 21.08
N ILE D 110 -44.24 11.17 20.77
CA ILE D 110 -44.79 10.28 21.81
C ILE D 110 -44.01 8.95 22.00
N ALA D 111 -43.25 8.49 20.99
CA ALA D 111 -42.31 7.38 21.19
C ALA D 111 -41.10 7.57 20.29
N PRO D 112 -39.89 7.54 20.89
CA PRO D 112 -38.63 7.48 20.17
C PRO D 112 -38.56 6.32 19.14
N GLY D 113 -37.85 6.56 18.04
CA GLY D 113 -37.47 5.50 17.12
C GLY D 113 -36.60 4.47 17.81
N THR D 114 -36.68 3.26 17.28
CA THR D 114 -35.90 2.10 17.72
C THR D 114 -35.42 1.40 16.45
N PRO D 115 -34.60 0.34 16.60
CA PRO D 115 -34.27 -0.49 15.48
C PRO D 115 -35.44 -0.97 14.65
N SER D 116 -36.60 -1.20 15.27
CA SER D 116 -37.73 -1.74 14.51
C SER D 116 -38.91 -0.82 14.29
N GLN D 117 -38.82 0.42 14.74
CA GLN D 117 -40.01 1.30 14.69
C GLN D 117 -39.59 2.77 14.50
N ASN D 118 -40.36 3.47 13.68
CA ASN D 118 -40.13 4.87 13.41
C ASN D 118 -40.56 5.70 14.60
N THR D 119 -40.00 6.89 14.69
CA THR D 119 -40.58 7.90 15.57
C THR D 119 -42.12 7.89 15.55
N GLN D 120 -42.76 7.87 16.71
CA GLN D 120 -44.20 8.13 16.75
C GLN D 120 -44.43 9.62 17.14
N CYS D 121 -45.39 10.30 16.50
CA CYS D 121 -45.69 11.72 16.75
C CYS D 121 -47.17 11.92 16.98
N GLN D 122 -47.56 13.05 17.58
CA GLN D 122 -48.98 13.45 17.68
C GLN D 122 -49.07 14.98 17.52
N PRO D 123 -50.16 15.49 16.95
CA PRO D 123 -50.40 16.92 17.17
C PRO D 123 -50.42 17.22 18.66
N CYS D 124 -49.79 18.35 19.01
CA CYS D 124 -49.67 18.78 20.40
C CYS D 124 -51.05 19.13 20.88
N PRO D 125 -51.48 18.52 21.96
CA PRO D 125 -52.85 18.81 22.31
C PRO D 125 -52.95 20.24 22.93
N PRO D 126 -54.18 20.79 23.06
CA PRO D 126 -54.42 22.10 23.69
C PRO D 126 -53.58 22.31 24.96
N GLY D 127 -53.03 23.49 25.11
CA GLY D 127 -52.24 23.83 26.29
C GLY D 127 -50.81 23.42 26.15
N THR D 128 -50.45 22.73 25.05
CA THR D 128 -49.05 22.33 24.84
C THR D 128 -48.53 22.79 23.51
N PHE D 129 -47.23 22.65 23.30
CA PHE D 129 -46.62 23.13 22.09
C PHE D 129 -45.27 22.44 21.80
N SER D 130 -44.86 22.51 20.54
CA SER D 130 -43.52 22.21 20.10
C SER D 130 -43.25 23.12 18.90
N ALA D 131 -42.16 23.86 19.00
CA ALA D 131 -41.78 24.89 18.06
C ALA D 131 -40.80 24.38 16.97
N SER D 132 -40.19 23.23 17.15
CA SER D 132 -39.22 22.76 16.15
C SER D 132 -39.51 21.36 15.56
N SER D 133 -38.87 21.13 14.40
CA SER D 133 -38.77 19.82 13.75
C SER D 133 -37.69 19.05 14.53
N SER D 134 -38.09 17.97 15.19
CA SER D 134 -37.17 17.20 16.04
C SER D 134 -37.67 15.75 16.25
N SER D 135 -36.70 14.84 16.34
CA SER D 135 -36.98 13.42 16.47
C SER D 135 -36.95 13.00 17.91
N SER D 136 -36.65 13.93 18.84
CA SER D 136 -36.72 13.67 20.28
C SER D 136 -37.76 14.53 21.07
N GLU D 137 -37.89 15.82 20.72
CA GLU D 137 -38.66 16.81 21.52
C GLU D 137 -40.14 16.49 21.61
N GLN D 138 -40.66 16.49 22.83
CA GLN D 138 -42.08 16.27 23.11
C GLN D 138 -42.89 17.55 23.15
N CYS D 139 -44.20 17.42 23.04
CA CYS D 139 -45.12 18.51 23.39
C CYS D 139 -44.95 18.92 24.88
N GLN D 140 -44.64 20.19 25.11
CA GLN D 140 -44.39 20.71 26.48
C GLN D 140 -45.56 21.64 26.88
N PRO D 141 -45.95 21.69 28.17
CA PRO D 141 -47.08 22.56 28.52
C PRO D 141 -46.68 24.00 28.29
N HIS D 142 -47.63 24.83 27.85
CA HIS D 142 -47.40 26.28 27.75
C HIS D 142 -46.93 26.83 29.11
N ARG D 143 -46.02 27.80 29.04
CA ARG D 143 -45.73 28.66 30.15
C ARG D 143 -47.08 29.13 30.71
N ASN D 144 -47.22 29.02 32.02
CA ASN D 144 -48.47 29.29 32.74
C ASN D 144 -48.24 30.65 33.42
N CYS D 145 -48.82 31.71 32.84
CA CYS D 145 -48.62 33.07 33.33
C CYS D 145 -49.13 33.26 34.77
N THR D 146 -50.29 32.70 35.05
CA THR D 146 -50.89 32.92 36.35
C THR D 146 -49.98 32.30 37.43
N ALA D 147 -49.47 31.08 37.24
CA ALA D 147 -48.60 30.44 38.25
C ALA D 147 -47.27 31.15 38.46
N LEU D 148 -46.84 32.00 37.52
CA LEU D 148 -45.62 32.81 37.70
C LEU D 148 -45.98 34.25 38.18
N GLY D 149 -47.26 34.48 38.50
CA GLY D 149 -47.76 35.77 38.92
C GLY D 149 -47.60 36.87 37.91
N LEU D 150 -47.47 36.51 36.62
CA LEU D 150 -47.39 37.50 35.52
C LEU D 150 -48.71 37.57 34.82
N ALA D 151 -48.82 38.60 33.99
CA ALA D 151 -49.97 38.81 33.14
C ALA D 151 -49.69 38.25 31.71
N LEU D 152 -50.77 38.05 30.96
CA LEU D 152 -50.63 37.44 29.66
C LEU D 152 -50.19 38.49 28.68
N ASN D 153 -49.08 38.19 28.01
CA ASN D 153 -48.64 39.00 26.85
C ASN D 153 -49.11 38.43 25.51
N VAL D 154 -48.61 37.26 25.09
CA VAL D 154 -49.07 36.71 23.78
C VAL D 154 -49.59 35.30 23.92
N PRO D 155 -50.85 35.06 23.56
CA PRO D 155 -51.32 33.68 23.67
C PRO D 155 -50.42 32.70 22.86
N GLY D 156 -50.20 31.50 23.37
CA GLY D 156 -49.49 30.50 22.62
C GLY D 156 -50.37 29.66 21.68
N SER D 157 -49.73 28.69 21.06
CA SER D 157 -50.32 27.87 20.03
C SER D 157 -49.61 26.52 20.08
N SER D 158 -50.02 25.60 19.22
CA SER D 158 -49.43 24.25 19.18
C SER D 158 -47.98 24.26 18.74
N SER D 159 -47.53 25.41 18.23
CA SER D 159 -46.19 25.53 17.69
C SER D 159 -45.40 26.70 18.30
N HIS D 160 -45.89 27.31 19.35
CA HIS D 160 -45.17 28.41 19.97
C HIS D 160 -45.60 28.55 21.40
N ASP D 161 -44.65 28.91 22.26
CA ASP D 161 -44.90 29.05 23.72
C ASP D 161 -45.70 30.34 23.94
N THR D 162 -46.58 30.31 24.96
CA THR D 162 -47.28 31.49 25.47
C THR D 162 -46.26 32.48 26.04
N LEU D 163 -46.40 33.77 25.72
CA LEU D 163 -45.56 34.83 26.35
C LEU D 163 -46.28 35.55 27.48
N CYS D 164 -45.60 35.65 28.62
CA CYS D 164 -46.01 36.52 29.75
C CYS D 164 -45.09 37.73 29.79
N THR D 165 -45.59 38.92 30.13
CA THR D 165 -44.69 40.11 30.26
C THR D 165 -43.30 39.80 30.89
C1 NAG E . 54.37 15.80 43.55
C2 NAG E . 53.40 16.64 42.69
C3 NAG E . 52.37 17.27 43.59
C4 NAG E . 51.87 16.27 44.66
C5 NAG E . 52.92 15.38 45.44
C6 NAG E . 52.51 14.07 46.23
C7 NAG E . 54.22 17.69 40.54
C8 NAG E . 55.12 18.76 39.96
N2 NAG E . 54.18 17.63 41.90
O3 NAG E . 51.40 17.85 42.70
O4 NAG E . 51.24 17.11 45.59
O5 NAG E . 53.80 14.91 44.46
O6 NAG E . 53.51 13.50 47.17
O7 NAG E . 53.58 16.97 39.72
C1 NAG E . 49.80 17.06 45.42
C2 NAG E . 49.10 17.17 46.78
C3 NAG E . 47.57 17.27 46.61
C4 NAG E . 47.08 18.07 45.38
C5 NAG E . 47.99 17.90 44.13
C6 NAG E . 47.65 18.72 42.85
C7 NAG E . 50.28 16.30 48.80
C8 NAG E . 50.43 15.13 49.75
N2 NAG E . 49.40 16.13 47.78
O3 NAG E . 47.13 17.85 47.82
O4 NAG E . 45.71 17.74 45.07
O5 NAG E . 49.33 18.10 44.57
O6 NAG E . 47.82 20.13 42.96
O7 NAG E . 50.94 17.33 48.96
C1 BMA E . 44.74 18.69 45.59
C2 BMA E . 43.51 18.62 44.67
C3 BMA E . 42.45 19.59 45.24
C4 BMA E . 42.04 19.12 46.65
C5 BMA E . 43.27 19.17 47.61
C6 BMA E . 43.02 18.49 48.97
O2 BMA E . 43.14 17.24 44.54
O3 BMA E . 41.36 20.04 44.34
O4 BMA E . 41.00 19.95 47.15
O5 BMA E . 44.42 18.54 47.00
O6 BMA E . 44.20 18.43 49.79
C1 MAN E . 40.68 19.16 43.43
C2 MAN E . 41.09 19.43 41.96
C3 MAN E . 40.00 19.00 40.93
C4 MAN E . 38.61 19.57 41.29
C5 MAN E . 38.65 20.26 42.66
C6 MAN E . 37.23 20.55 43.17
O2 MAN E . 42.35 18.89 41.61
O3 MAN E . 39.85 17.61 40.67
O4 MAN E . 38.14 20.38 40.22
O5 MAN E . 39.30 19.41 43.60
O6 MAN E . 37.07 21.95 43.32
CL CL F . 18.56 28.25 -15.62
CL CL G . -26.66 -11.78 -1.82
MG MG H . 53.08 15.97 21.03
C1 NAG I . -51.97 27.34 36.06
C2 NAG I . -52.97 26.18 35.86
C3 NAG I . -54.24 26.26 36.75
C4 NAG I . -53.93 26.46 38.28
C5 NAG I . -52.85 27.57 38.44
C6 NAG I . -52.40 27.89 39.90
C7 NAG I . -53.07 24.85 33.79
C8 NAG I . -53.40 24.75 32.33
N2 NAG I . -53.27 26.01 34.43
O3 NAG I . -55.17 25.18 36.49
O4 NAG I . -55.15 26.64 39.11
O5 NAG I . -51.74 27.40 37.49
O6 NAG I . -51.43 27.01 40.49
O7 NAG I . -52.62 23.84 34.29
MG MG J . -42.20 19.04 16.88
#